data_7PZV
#
_entry.id   7PZV
#
_cell.length_a   35.585
_cell.length_b   66.965
_cell.length_c   62.874
_cell.angle_alpha   90.00
_cell.angle_beta   90.00
_cell.angle_gamma   90.00
#
_symmetry.space_group_name_H-M   'P 1 21 1'
#
loop_
_entity.id
_entity.type
_entity.pdbx_description
1 polymer 'UDP-3-O-acyl-N-acetylglucosamine deacetylase'
2 non-polymer 'ZINC ION'
3 non-polymer (2S,4S)-N-[(3R,5R)-1-cyclopropylcarbonyl-5-[[[4-[2-[4-[(1S)-2-methoxy-1-oxidanyl-ethyl]phenyl]ethynyl]phenyl]carbonylamino]methyl]pyrrolidin-3-yl]-4-fluoranyl-pyrrolidine-2-carboxamide
4 water water
#
_entity_poly.entity_id   1
_entity_poly.type   'polypeptide(L)'
_entity_poly.pdbx_seq_one_letter_code
;HHHHHHENLYFQSMIKQRTLKNIIRATGVGLHSGEKVYLTLKPAPVDTGIVFSRTDLDPVVEIPARAENVGETTMSTTLV
KGDVKVDTVEHLLSAMAGLGIDNAYVELSASEVPIMDGSAGPFVFLIQSAGLQEQEAAKKFIRIKREVSVEEGDKRAVFV
PFDGFKVSFEIDFDHPVFRGRTQQASVDFSSTSFVKEVSRARTFGFMRDIEYLRSQNLALGGSVENAIVVDENRVLNEDG
LRYEDEFVKHKILDAIGDLYLLGNSLIGEFRGFKSGHALNNQLLRTLIADKDAWEVVTFEDARTAPISYMRP
;
_entity_poly.pdbx_strand_id   A
#
loop_
_chem_comp.id
_chem_comp.type
_chem_comp.name
_chem_comp.formula
9DO non-polymer (2S,4S)-N-[(3R,5R)-1-cyclopropylcarbonyl-5-[[[4-[2-[4-[(1S)-2-methoxy-1-oxidanyl-ethyl]phenyl]ethynyl]phenyl]carbonylamino]methyl]pyrrolidin-3-yl]-4-fluoranyl-pyrrolidine-2-carboxamide 'C32 H37 F N4 O5'
ZN non-polymer 'ZINC ION' 'Zn 2'
#
# COMPACT_ATOMS: atom_id res chain seq x y z
N MET A 14 -10.68 -11.12 -22.25
CA MET A 14 -9.76 -10.00 -21.89
C MET A 14 -9.62 -9.89 -20.38
N ILE A 15 -8.55 -9.26 -19.91
CA ILE A 15 -8.39 -8.90 -18.48
C ILE A 15 -9.30 -7.69 -18.22
N LYS A 16 -10.22 -7.85 -17.28
CA LYS A 16 -11.31 -6.91 -17.02
C LYS A 16 -11.02 -6.14 -15.73
N GLN A 17 -11.53 -4.91 -15.65
CA GLN A 17 -11.52 -4.09 -14.40
C GLN A 17 -12.25 -4.90 -13.31
N ARG A 18 -11.85 -4.74 -12.04
CA ARG A 18 -12.56 -5.34 -10.88
C ARG A 18 -12.96 -4.24 -9.89
N THR A 19 -14.14 -4.40 -9.28
CA THR A 19 -14.61 -3.68 -8.07
C THR A 19 -15.03 -4.72 -7.05
N LEU A 20 -15.55 -4.27 -5.91
CA LEU A 20 -16.17 -5.13 -4.86
C LEU A 20 -17.52 -5.68 -5.36
N LYS A 21 -17.85 -6.90 -4.92
CA LYS A 21 -19.16 -7.57 -5.11
C LYS A 21 -20.16 -6.97 -4.11
N ASN A 22 -19.70 -6.67 -2.90
CA ASN A 22 -20.54 -6.26 -1.76
C ASN A 22 -19.82 -5.15 -1.01
N ILE A 23 -20.56 -4.36 -0.25
CA ILE A 23 -19.99 -3.34 0.67
C ILE A 23 -19.28 -4.04 1.83
N ILE A 24 -18.16 -3.49 2.28
CA ILE A 24 -17.39 -4.01 3.46
C ILE A 24 -17.39 -2.93 4.53
N ARG A 25 -17.70 -3.27 5.77
CA ARG A 25 -17.66 -2.38 6.95
C ARG A 25 -16.58 -2.87 7.91
N ALA A 26 -15.78 -1.97 8.46
CA ALA A 26 -14.71 -2.29 9.43
C ALA A 26 -14.56 -1.12 10.42
N THR A 27 -14.09 -1.46 11.60
CA THR A 27 -13.81 -0.55 12.74
C THR A 27 -12.34 -0.75 13.12
N GLY A 28 -11.68 0.33 13.54
CA GLY A 28 -10.33 0.26 14.12
C GLY A 28 -9.91 1.59 14.68
N VAL A 29 -8.61 1.72 14.91
CA VAL A 29 -8.02 2.91 15.55
C VAL A 29 -6.97 3.43 14.57
N GLY A 30 -6.89 4.73 14.40
CA GLY A 30 -5.77 5.33 13.64
C GLY A 30 -4.46 5.18 14.40
N LEU A 31 -3.41 4.71 13.72
CA LEU A 31 -2.08 4.49 14.35
C LEU A 31 -1.68 5.77 15.11
N HIS A 32 -1.70 6.91 14.41
CA HIS A 32 -1.22 8.21 14.90
C HIS A 32 -2.31 8.94 15.67
N SER A 33 -3.54 8.96 15.16
CA SER A 33 -4.65 9.74 15.79
C SER A 33 -5.12 9.09 17.07
N GLY A 34 -5.08 7.76 17.18
CA GLY A 34 -5.73 7.04 18.30
C GLY A 34 -7.26 7.10 18.23
N GLU A 35 -7.79 7.67 17.15
CA GLU A 35 -9.26 7.84 16.96
C GLU A 35 -9.86 6.53 16.45
N LYS A 36 -10.99 6.14 17.06
CA LYS A 36 -11.93 5.13 16.51
C LYS A 36 -12.39 5.61 15.13
N VAL A 37 -12.32 4.72 14.15
CA VAL A 37 -12.68 5.04 12.76
C VAL A 37 -13.54 3.92 12.21
N TYR A 38 -14.64 4.32 11.57
CA TYR A 38 -15.55 3.41 10.82
C TYR A 38 -15.15 3.52 9.36
N LEU A 39 -14.83 2.37 8.77
CA LEU A 39 -14.40 2.23 7.38
C LEU A 39 -15.48 1.47 6.59
N THR A 40 -15.87 2.01 5.44
CA THR A 40 -16.77 1.35 4.46
C THR A 40 -16.09 1.31 3.10
N LEU A 41 -15.94 0.13 2.53
CA LEU A 41 -15.48 -0.01 1.13
C LEU A 41 -16.72 -0.28 0.26
N LYS A 42 -16.91 0.50 -0.79
CA LYS A 42 -18.11 0.34 -1.66
C LYS A 42 -17.68 0.02 -3.09
N PRO A 43 -18.45 -0.84 -3.79
CA PRO A 43 -18.30 -0.96 -5.25
C PRO A 43 -18.31 0.43 -5.91
N ALA A 44 -17.65 0.54 -7.06
CA ALA A 44 -17.58 1.80 -7.85
C ALA A 44 -17.61 1.46 -9.33
N PRO A 45 -18.15 2.37 -10.16
CA PRO A 45 -18.17 2.18 -11.61
C PRO A 45 -16.78 2.04 -12.26
N VAL A 46 -16.79 1.52 -13.48
CA VAL A 46 -15.59 1.43 -14.36
C VAL A 46 -14.89 2.80 -14.40
N ASP A 47 -13.55 2.78 -14.31
CA ASP A 47 -12.67 3.96 -14.52
C ASP A 47 -12.87 5.00 -13.40
N THR A 48 -13.33 4.61 -12.22
CA THR A 48 -13.36 5.46 -11.02
C THR A 48 -11.96 5.54 -10.40
N GLY A 49 -11.22 4.44 -10.44
CA GLY A 49 -10.07 4.21 -9.55
C GLY A 49 -10.52 4.07 -8.10
N ILE A 50 -9.58 4.30 -7.17
CA ILE A 50 -9.79 4.26 -5.70
C ILE A 50 -9.98 5.71 -5.24
N VAL A 51 -11.08 5.98 -4.55
CA VAL A 51 -11.45 7.34 -4.09
C VAL A 51 -11.72 7.25 -2.60
N PHE A 52 -10.98 8.03 -1.81
CA PHE A 52 -11.19 8.14 -0.35
C PHE A 52 -12.21 9.24 -0.10
N SER A 53 -12.98 9.06 0.96
CA SER A 53 -14.15 9.90 1.25
C SER A 53 -14.25 10.12 2.75
N ARG A 54 -14.10 11.36 3.18
CA ARG A 54 -14.26 11.76 4.61
C ARG A 54 -15.75 12.07 4.80
N THR A 55 -16.51 11.14 5.37
CA THR A 55 -17.99 11.22 5.46
C THR A 55 -18.38 11.92 6.78
N ASP A 56 -17.40 12.18 7.65
CA ASP A 56 -17.58 12.98 8.89
C ASP A 56 -17.73 14.46 8.54
N LEU A 57 -17.35 14.84 7.32
CA LEU A 57 -17.42 16.25 6.86
C LEU A 57 -18.73 16.47 6.09
N ASP A 58 -19.23 17.72 6.15
CA ASP A 58 -20.40 18.22 5.38
C ASP A 58 -20.01 19.60 4.83
N PRO A 59 -19.72 19.74 3.52
CA PRO A 59 -19.87 18.66 2.54
C PRO A 59 -18.79 17.55 2.63
N VAL A 60 -19.19 16.31 2.33
CA VAL A 60 -18.31 15.12 2.23
C VAL A 60 -17.11 15.49 1.32
N VAL A 61 -15.88 15.19 1.74
CA VAL A 61 -14.66 15.54 0.93
C VAL A 61 -14.05 14.23 0.43
N GLU A 62 -13.82 14.15 -0.89
CA GLU A 62 -13.36 12.95 -1.61
C GLU A 62 -12.00 13.23 -2.22
N ILE A 63 -11.06 12.32 -2.02
CA ILE A 63 -9.68 12.46 -2.54
C ILE A 63 -9.35 11.19 -3.34
N PRO A 64 -9.21 11.28 -4.68
CA PRO A 64 -8.77 10.14 -5.49
C PRO A 64 -7.36 9.73 -5.03
N ALA A 65 -7.11 8.43 -4.90
CA ALA A 65 -5.83 7.87 -4.37
C ALA A 65 -4.84 7.90 -5.53
N ARG A 66 -4.36 9.10 -5.85
CA ARG A 66 -3.45 9.36 -7.01
C ARG A 66 -2.23 10.11 -6.49
N ALA A 67 -1.07 9.90 -7.12
CA ALA A 67 0.23 10.49 -6.70
C ALA A 67 0.09 12.00 -6.56
N GLU A 68 -0.67 12.64 -7.46
CA GLU A 68 -0.87 14.11 -7.43
C GLU A 68 -1.57 14.57 -6.15
N ASN A 69 -2.21 13.70 -5.36
CA ASN A 69 -2.94 14.12 -4.13
C ASN A 69 -2.16 13.77 -2.86
N VAL A 70 -0.92 13.32 -3.00
CA VAL A 70 -0.13 12.88 -1.83
C VAL A 70 0.36 14.13 -1.09
N GLY A 71 0.24 14.15 0.24
CA GLY A 71 0.56 15.34 1.06
C GLY A 71 2.01 15.33 1.54
N GLU A 72 2.38 16.31 2.38
CA GLU A 72 3.71 16.43 3.05
C GLU A 72 4.08 15.08 3.66
N THR A 73 5.20 14.51 3.23
CA THR A 73 5.54 13.07 3.40
C THR A 73 5.95 12.82 4.86
N THR A 74 4.96 12.94 5.76
CA THR A 74 5.05 12.93 7.24
C THR A 74 5.43 11.52 7.75
N MET A 75 4.58 10.89 8.56
CA MET A 75 4.86 9.58 9.22
C MET A 75 4.37 8.43 8.33
N SER A 76 3.58 8.72 7.31
CA SER A 76 2.89 7.69 6.47
C SER A 76 2.39 8.35 5.18
N THR A 77 1.85 7.57 4.24
CA THR A 77 1.32 8.12 2.99
C THR A 77 -0.02 8.83 3.31
N THR A 78 -0.14 10.09 2.93
CA THR A 78 -1.30 10.96 3.24
C THR A 78 -1.87 11.51 1.95
N LEU A 79 -3.17 11.42 1.78
CA LEU A 79 -3.89 12.12 0.68
C LEU A 79 -4.43 13.42 1.23
N VAL A 80 -4.30 14.51 0.47
CA VAL A 80 -4.76 15.87 0.85
C VAL A 80 -5.62 16.47 -0.27
N LYS A 81 -6.51 17.38 0.10
CA LYS A 81 -7.30 18.27 -0.78
C LYS A 81 -7.67 19.47 0.09
N GLY A 82 -7.02 20.62 -0.13
CA GLY A 82 -7.05 21.77 0.78
C GLY A 82 -6.49 21.44 2.15
N ASP A 83 -7.26 21.70 3.20
CA ASP A 83 -6.85 21.45 4.60
C ASP A 83 -7.53 20.17 5.11
N VAL A 84 -8.02 19.32 4.20
CA VAL A 84 -8.56 17.96 4.52
C VAL A 84 -7.51 16.91 4.15
N LYS A 85 -7.30 15.92 5.01
CA LYS A 85 -6.35 14.79 4.74
C LYS A 85 -7.01 13.46 5.09
N VAL A 86 -6.49 12.41 4.47
CA VAL A 86 -6.65 10.99 4.90
C VAL A 86 -5.25 10.45 5.18
N ASP A 87 -4.98 10.09 6.42
CA ASP A 87 -3.65 9.60 6.88
C ASP A 87 -3.56 8.09 6.66
N THR A 88 -2.35 7.61 6.39
CA THR A 88 -1.96 6.18 6.47
C THR A 88 -2.82 5.32 5.53
N VAL A 89 -2.75 5.62 4.24
CA VAL A 89 -3.56 4.90 3.21
C VAL A 89 -2.79 3.67 2.71
N GLU A 90 -1.50 3.54 3.01
CA GLU A 90 -0.65 2.61 2.22
C GLU A 90 -0.99 1.14 2.47
N HIS A 91 -1.46 0.72 3.66
CA HIS A 91 -1.73 -0.74 3.93
C HIS A 91 -3.02 -1.17 3.23
N LEU A 92 -4.03 -0.32 3.27
CA LEU A 92 -5.30 -0.54 2.52
C LEU A 92 -5.04 -0.55 1.02
N LEU A 93 -4.29 0.42 0.49
CA LEU A 93 -4.03 0.45 -0.97
C LEU A 93 -3.21 -0.78 -1.34
N SER A 94 -2.32 -1.24 -0.45
CA SER A 94 -1.52 -2.47 -0.68
C SER A 94 -2.45 -3.68 -0.83
N ALA A 95 -3.45 -3.83 0.06
CA ALA A 95 -4.48 -4.90 0.02
C ALA A 95 -5.24 -4.83 -1.30
N MET A 96 -5.68 -3.63 -1.69
CA MET A 96 -6.42 -3.36 -2.97
C MET A 96 -5.53 -3.64 -4.19
N ALA A 97 -4.25 -3.30 -4.13
CA ALA A 97 -3.26 -3.58 -5.19
C ALA A 97 -3.05 -5.09 -5.30
N GLY A 98 -2.88 -5.75 -4.17
CA GLY A 98 -2.52 -7.19 -4.11
C GLY A 98 -3.62 -8.03 -4.70
N LEU A 99 -4.87 -7.58 -4.62
CA LEU A 99 -6.07 -8.32 -5.11
C LEU A 99 -6.52 -7.83 -6.50
N GLY A 100 -5.91 -6.76 -7.01
CA GLY A 100 -6.20 -6.22 -8.35
C GLY A 100 -7.51 -5.46 -8.41
N ILE A 101 -7.90 -4.76 -7.34
CA ILE A 101 -9.13 -3.91 -7.32
C ILE A 101 -8.82 -2.60 -8.04
N ASP A 102 -9.57 -2.30 -9.11
CA ASP A 102 -9.45 -1.08 -9.94
C ASP A 102 -10.30 0.04 -9.34
N ASN A 103 -11.57 -0.26 -9.05
CA ASN A 103 -12.61 0.75 -8.72
C ASN A 103 -13.17 0.52 -7.31
N ALA A 104 -13.16 1.52 -6.41
CA ALA A 104 -13.74 1.39 -5.07
C ALA A 104 -13.83 2.78 -4.42
N TYR A 105 -14.89 3.00 -3.65
CA TYR A 105 -15.03 4.13 -2.71
C TYR A 105 -14.61 3.61 -1.35
N VAL A 106 -13.67 4.32 -0.71
CA VAL A 106 -13.27 4.10 0.70
C VAL A 106 -13.87 5.25 1.51
N GLU A 107 -14.91 4.99 2.31
CA GLU A 107 -15.49 5.97 3.25
C GLU A 107 -14.84 5.84 4.61
N LEU A 108 -14.46 6.97 5.22
CA LEU A 108 -13.86 7.02 6.58
C LEU A 108 -14.64 8.01 7.42
N SER A 109 -14.89 7.67 8.68
CA SER A 109 -15.58 8.52 9.69
C SER A 109 -14.59 9.51 10.30
N ALA A 110 -13.30 9.44 9.91
CA ALA A 110 -12.22 10.25 10.53
C ALA A 110 -11.00 10.34 9.62
N SER A 111 -9.96 11.04 10.05
CA SER A 111 -8.87 11.52 9.16
C SER A 111 -7.90 10.39 8.85
N GLU A 112 -7.94 9.28 9.59
CA GLU A 112 -6.96 8.19 9.43
C GLU A 112 -7.65 6.84 9.22
N VAL A 113 -7.17 6.12 8.21
CA VAL A 113 -7.40 4.67 7.99
C VAL A 113 -7.05 3.89 9.25
N PRO A 114 -7.95 2.98 9.70
CA PRO A 114 -7.63 2.13 10.86
C PRO A 114 -6.40 1.25 10.62
N ILE A 115 -5.56 1.11 11.64
CA ILE A 115 -4.28 0.33 11.54
C ILE A 115 -4.57 -1.18 11.56
N MET A 116 -5.68 -1.61 12.16
CA MET A 116 -6.07 -3.04 12.32
C MET A 116 -4.92 -3.78 13.04
N ASP A 117 -4.34 -4.83 12.46
CA ASP A 117 -3.25 -5.60 13.12
C ASP A 117 -1.86 -5.06 12.74
N GLY A 118 -1.80 -3.99 11.93
CA GLY A 118 -0.54 -3.38 11.45
C GLY A 118 -0.09 -3.90 10.09
N SER A 119 -0.88 -4.81 9.51
CA SER A 119 -0.59 -5.48 8.21
C SER A 119 -1.75 -5.20 7.27
N ALA A 120 -1.69 -5.78 6.08
CA ALA A 120 -2.77 -5.70 5.06
C ALA A 120 -3.75 -6.87 5.25
N GLY A 121 -3.42 -7.85 6.11
CA GLY A 121 -4.16 -9.11 6.28
C GLY A 121 -5.65 -8.91 6.55
N PRO A 122 -6.04 -8.15 7.60
CA PRO A 122 -7.46 -7.86 7.86
C PRO A 122 -8.21 -7.21 6.68
N PHE A 123 -7.59 -6.31 5.92
CA PHE A 123 -8.23 -5.71 4.71
C PHE A 123 -8.39 -6.74 3.60
N VAL A 124 -7.36 -7.50 3.31
CA VAL A 124 -7.47 -8.54 2.26
C VAL A 124 -8.59 -9.51 2.64
N PHE A 125 -8.64 -9.93 3.90
CA PHE A 125 -9.72 -10.84 4.39
C PHE A 125 -11.10 -10.18 4.20
N LEU A 126 -11.30 -8.95 4.69
CA LEU A 126 -12.62 -8.26 4.55
C LEU A 126 -13.00 -8.16 3.07
N ILE A 127 -12.06 -7.79 2.22
CA ILE A 127 -12.32 -7.67 0.76
C ILE A 127 -12.67 -9.05 0.17
N GLN A 128 -11.87 -10.09 0.44
CA GLN A 128 -12.09 -11.41 -0.20
C GLN A 128 -13.34 -12.07 0.41
N SER A 129 -13.77 -11.67 1.60
CA SER A 129 -15.10 -12.03 2.18
C SER A 129 -16.25 -11.43 1.36
N ALA A 130 -16.15 -10.18 0.96
CA ALA A 130 -17.10 -9.50 0.04
C ALA A 130 -17.08 -10.14 -1.36
N GLY A 131 -15.92 -10.58 -1.82
CA GLY A 131 -15.72 -11.05 -3.20
C GLY A 131 -15.52 -9.87 -4.14
N LEU A 132 -15.00 -10.16 -5.32
CA LEU A 132 -14.83 -9.14 -6.39
C LEU A 132 -15.79 -9.41 -7.55
N GLN A 133 -16.10 -8.35 -8.28
CA GLN A 133 -16.97 -8.30 -9.47
C GLN A 133 -16.13 -7.81 -10.65
N GLU A 134 -15.92 -8.66 -11.66
CA GLU A 134 -15.37 -8.23 -12.97
C GLU A 134 -16.35 -7.25 -13.60
N GLN A 135 -15.86 -6.23 -14.31
CA GLN A 135 -16.65 -5.16 -14.96
C GLN A 135 -16.37 -5.18 -16.47
N GLU A 136 -17.34 -4.72 -17.27
CA GLU A 136 -17.30 -4.77 -18.76
C GLU A 136 -16.40 -3.65 -19.30
N ALA A 137 -15.10 -3.72 -19.03
CA ALA A 137 -14.08 -2.76 -19.52
C ALA A 137 -12.70 -3.35 -19.26
N ALA A 138 -11.79 -3.14 -20.19
CA ALA A 138 -10.41 -3.66 -20.16
C ALA A 138 -9.69 -2.97 -19.00
N LYS A 139 -8.94 -3.74 -18.24
CA LYS A 139 -8.07 -3.22 -17.19
C LYS A 139 -6.90 -2.58 -17.91
N LYS A 140 -6.52 -1.38 -17.49
CA LYS A 140 -5.40 -0.60 -18.08
C LYS A 140 -4.19 -0.80 -17.17
N PHE A 141 -3.06 -1.22 -17.72
CA PHE A 141 -1.77 -1.40 -17.00
C PHE A 141 -0.78 -0.33 -17.44
N ILE A 142 0.10 0.10 -16.52
CA ILE A 142 1.30 0.92 -16.84
C ILE A 142 2.45 -0.06 -17.00
N ARG A 143 2.97 -0.20 -18.22
CA ARG A 143 4.14 -1.06 -18.50
C ARG A 143 5.40 -0.18 -18.45
N ILE A 144 6.35 -0.54 -17.59
CA ILE A 144 7.69 0.11 -17.54
C ILE A 144 8.42 -0.25 -18.85
N LYS A 145 8.81 0.75 -19.64
CA LYS A 145 9.57 0.61 -20.91
C LYS A 145 11.06 0.93 -20.69
N ARG A 146 11.35 1.84 -19.77
CA ARG A 146 12.73 2.32 -19.45
C ARG A 146 12.96 2.27 -17.94
N GLU A 147 14.21 2.07 -17.53
CA GLU A 147 14.64 2.17 -16.13
C GLU A 147 14.43 3.62 -15.69
N VAL A 148 13.78 3.78 -14.54
CA VAL A 148 13.63 5.10 -13.88
C VAL A 148 14.14 4.95 -12.46
N SER A 149 15.13 5.75 -12.12
CA SER A 149 15.88 5.66 -10.86
C SER A 149 15.77 6.99 -10.14
N VAL A 150 15.44 6.96 -8.86
CA VAL A 150 15.59 8.17 -7.98
C VAL A 150 16.48 7.81 -6.80
N GLU A 151 17.40 8.70 -6.43
CA GLU A 151 18.25 8.59 -5.24
C GLU A 151 18.10 9.85 -4.39
N GLU A 152 18.30 9.70 -3.09
CA GLU A 152 18.56 10.83 -2.18
C GLU A 152 19.37 10.30 -1.00
N GLY A 153 20.60 10.80 -0.83
CA GLY A 153 21.55 10.26 0.16
C GLY A 153 21.80 8.80 -0.15
N ASP A 154 21.68 7.93 0.85
CA ASP A 154 21.97 6.48 0.71
C ASP A 154 20.71 5.71 0.29
N LYS A 155 19.58 6.40 0.05
CA LYS A 155 18.30 5.74 -0.35
C LYS A 155 18.16 5.73 -1.88
N ARG A 156 17.54 4.69 -2.41
CA ARG A 156 17.36 4.54 -3.86
C ARG A 156 16.07 3.77 -4.11
N ALA A 157 15.35 4.20 -5.14
CA ALA A 157 14.09 3.57 -5.60
C ALA A 157 14.12 3.56 -7.13
N VAL A 158 13.86 2.41 -7.72
CA VAL A 158 14.03 2.18 -9.17
C VAL A 158 12.83 1.43 -9.70
N PHE A 159 12.36 1.82 -10.88
CA PHE A 159 11.58 0.97 -11.81
C PHE A 159 12.52 0.40 -12.88
N VAL A 160 12.37 -0.90 -13.12
CA VAL A 160 13.08 -1.69 -14.18
C VAL A 160 11.99 -2.32 -15.05
N PRO A 161 12.12 -2.29 -16.41
CA PRO A 161 11.24 -3.08 -17.26
C PRO A 161 11.33 -4.54 -16.83
N PHE A 162 10.19 -5.21 -16.80
CA PHE A 162 10.07 -6.60 -16.34
C PHE A 162 8.73 -7.11 -16.81
N ASP A 163 8.74 -8.24 -17.50
CA ASP A 163 7.51 -8.83 -18.07
C ASP A 163 6.76 -9.54 -16.93
N GLY A 164 6.09 -8.76 -16.07
CA GLY A 164 5.42 -9.28 -14.87
C GLY A 164 5.31 -8.21 -13.80
N PHE A 165 5.17 -8.63 -12.55
CA PHE A 165 5.23 -7.68 -11.41
C PHE A 165 6.09 -8.28 -10.31
N LYS A 166 7.10 -7.51 -9.97
CA LYS A 166 8.06 -7.93 -8.92
C LYS A 166 8.52 -6.73 -8.10
N VAL A 167 8.72 -6.98 -6.81
CA VAL A 167 9.21 -5.99 -5.81
C VAL A 167 10.41 -6.60 -5.10
N SER A 168 11.55 -5.96 -5.23
CA SER A 168 12.75 -6.29 -4.44
C SER A 168 13.01 -5.16 -3.45
N PHE A 169 13.39 -5.52 -2.23
CA PHE A 169 13.68 -4.53 -1.18
C PHE A 169 14.87 -4.94 -0.34
N GLU A 170 15.63 -3.93 0.04
CA GLU A 170 16.75 -4.06 0.98
C GLU A 170 16.63 -2.97 2.05
N ILE A 171 16.70 -3.36 3.32
CA ILE A 171 16.89 -2.44 4.47
C ILE A 171 18.26 -2.74 5.11
N ASP A 172 18.74 -1.85 5.98
CA ASP A 172 20.11 -1.95 6.56
C ASP A 172 20.12 -1.23 7.91
N PHE A 173 19.46 -1.79 8.91
CA PHE A 173 19.49 -1.29 10.31
C PHE A 173 20.69 -1.91 11.01
N ASP A 174 21.46 -1.09 11.71
CA ASP A 174 22.54 -1.54 12.64
C ASP A 174 21.85 -1.78 13.98
N HIS A 175 21.28 -2.95 14.16
CA HIS A 175 20.38 -3.24 15.30
C HIS A 175 20.40 -4.74 15.51
N PRO A 176 20.56 -5.22 16.76
CA PRO A 176 20.63 -6.66 17.05
C PRO A 176 19.50 -7.51 16.45
N VAL A 177 18.25 -7.05 16.53
CA VAL A 177 17.08 -7.77 15.95
C VAL A 177 17.33 -8.04 14.45
N PHE A 178 17.94 -7.08 13.74
CA PHE A 178 18.11 -7.06 12.27
C PHE A 178 19.43 -7.74 11.90
N THR A 182 17.53 -11.58 7.87
CA THR A 182 17.29 -11.26 6.44
C THR A 182 16.78 -9.82 6.31
N GLN A 183 17.56 -8.97 5.64
CA GLN A 183 17.21 -7.54 5.40
C GLN A 183 16.94 -7.31 3.91
N GLN A 184 16.89 -8.39 3.12
CA GLN A 184 16.63 -8.37 1.67
C GLN A 184 15.56 -9.41 1.31
N ALA A 185 14.69 -9.07 0.37
CA ALA A 185 13.68 -9.98 -0.20
C ALA A 185 13.31 -9.53 -1.61
N SER A 186 13.02 -10.49 -2.48
CA SER A 186 12.44 -10.28 -3.83
C SER A 186 11.24 -11.21 -3.98
N VAL A 187 10.11 -10.65 -4.37
CA VAL A 187 8.87 -11.42 -4.64
C VAL A 187 8.41 -11.09 -6.06
N ASP A 188 8.34 -12.12 -6.90
CA ASP A 188 7.61 -12.11 -8.18
C ASP A 188 6.16 -12.50 -7.87
N PHE A 189 5.21 -11.59 -8.05
CA PHE A 189 3.82 -11.81 -7.62
C PHE A 189 3.03 -12.67 -8.60
N SER A 190 3.53 -12.93 -9.80
CA SER A 190 2.91 -13.91 -10.73
C SER A 190 3.21 -15.35 -10.28
N SER A 191 4.21 -15.57 -9.46
CA SER A 191 4.58 -16.94 -9.03
C SER A 191 4.48 -17.11 -7.50
N THR A 192 4.37 -16.01 -6.74
CA THR A 192 4.31 -16.01 -5.27
C THR A 192 3.08 -15.23 -4.82
N SER A 193 2.37 -15.74 -3.81
CA SER A 193 1.07 -15.21 -3.32
C SER A 193 1.34 -13.95 -2.49
N PHE A 194 0.89 -12.79 -2.93
CA PHE A 194 0.86 -11.60 -2.03
C PHE A 194 0.14 -11.98 -0.72
N VAL A 195 -1.01 -12.63 -0.87
CA VAL A 195 -1.87 -12.97 0.29
C VAL A 195 -1.05 -13.68 1.38
N LYS A 196 -0.31 -14.73 1.01
CA LYS A 196 0.28 -15.70 1.97
C LYS A 196 1.62 -15.17 2.45
N GLU A 197 2.39 -14.50 1.58
CA GLU A 197 3.83 -14.26 1.82
C GLU A 197 4.10 -12.81 2.21
N VAL A 198 3.19 -11.88 1.93
CA VAL A 198 3.46 -10.43 2.18
C VAL A 198 2.38 -9.80 3.05
N SER A 199 1.09 -10.12 2.84
CA SER A 199 -0.07 -9.34 3.35
C SER A 199 -0.11 -9.28 4.88
N ARG A 200 0.40 -10.30 5.56
CA ARG A 200 0.36 -10.45 7.03
C ARG A 200 1.57 -9.78 7.68
N ALA A 201 2.47 -9.18 6.90
CA ALA A 201 3.69 -8.54 7.42
C ALA A 201 3.29 -7.25 8.11
N ARG A 202 3.67 -7.09 9.38
CA ARG A 202 3.17 -5.97 10.21
C ARG A 202 4.17 -4.80 10.18
N THR A 203 3.63 -3.60 10.35
CA THR A 203 4.45 -2.41 10.69
C THR A 203 5.24 -2.67 11.99
N PHE A 204 6.30 -1.92 12.13
CA PHE A 204 7.29 -2.10 13.21
C PHE A 204 7.74 -0.72 13.70
N GLY A 205 8.16 -0.66 14.95
CA GLY A 205 8.61 0.59 15.59
C GLY A 205 9.65 0.29 16.65
N PHE A 206 10.71 1.09 16.69
CA PHE A 206 11.76 1.02 17.75
C PHE A 206 11.24 1.83 18.95
N MET A 207 11.45 1.32 20.16
CA MET A 207 10.94 1.93 21.42
C MET A 207 11.39 3.40 21.52
N ARG A 208 12.64 3.71 21.21
CA ARG A 208 13.18 5.10 21.31
C ARG A 208 12.37 6.04 20.39
N ASP A 209 12.05 5.60 19.18
CA ASP A 209 11.19 6.31 18.19
C ASP A 209 9.77 6.47 18.76
N ILE A 210 9.20 5.39 19.33
CA ILE A 210 7.78 5.37 19.81
C ILE A 210 7.66 6.34 21.00
N GLU A 211 8.66 6.32 21.88
CA GLU A 211 8.71 7.22 23.07
C GLU A 211 8.75 8.68 22.60
N TYR A 212 9.57 9.00 21.60
CA TYR A 212 9.61 10.36 21.00
C TYR A 212 8.25 10.73 20.40
N LEU A 213 7.72 9.87 19.53
CA LEU A 213 6.44 10.16 18.83
C LEU A 213 5.34 10.42 19.86
N ARG A 214 5.23 9.58 20.90
CA ARG A 214 4.24 9.69 21.99
C ARG A 214 4.36 11.07 22.66
N SER A 215 5.60 11.49 22.95
CA SER A 215 5.92 12.80 23.56
C SER A 215 5.38 13.91 22.65
N GLN A 216 5.31 13.68 21.33
CA GLN A 216 4.85 14.69 20.33
C GLN A 216 3.38 14.47 19.94
N ASN A 217 2.59 13.78 20.77
CA ASN A 217 1.14 13.48 20.54
C ASN A 217 0.93 12.66 19.25
N LEU A 218 1.87 11.78 18.91
CA LEU A 218 1.78 10.85 17.75
C LEU A 218 1.74 9.40 18.28
N ALA A 219 1.50 8.41 17.41
CA ALA A 219 1.45 6.96 17.75
C ALA A 219 0.42 6.68 18.86
N LEU A 220 -0.66 7.46 18.93
CA LEU A 220 -1.64 7.43 20.05
C LEU A 220 -2.48 6.15 19.98
N GLY A 221 -2.56 5.50 18.81
CA GLY A 221 -3.25 4.22 18.64
C GLY A 221 -2.33 3.02 18.57
N GLY A 222 -1.01 3.21 18.70
CA GLY A 222 0.01 2.14 18.67
C GLY A 222 -0.11 1.18 19.85
N SER A 223 0.09 -0.11 19.62
CA SER A 223 0.08 -1.18 20.65
C SER A 223 0.76 -2.43 20.09
N VAL A 224 1.16 -3.35 20.97
CA VAL A 224 1.66 -4.69 20.53
C VAL A 224 0.59 -5.33 19.64
N GLU A 225 -0.67 -4.88 19.71
CA GLU A 225 -1.75 -5.51 18.90
C GLU A 225 -1.70 -5.00 17.44
N ASN A 226 -0.99 -3.91 17.14
CA ASN A 226 -0.97 -3.40 15.75
C ASN A 226 0.45 -3.07 15.28
N ALA A 227 1.49 -3.42 16.04
CA ALA A 227 2.87 -3.19 15.59
C ALA A 227 3.84 -4.16 16.26
N ILE A 228 4.89 -4.54 15.53
CA ILE A 228 6.10 -5.17 16.13
C ILE A 228 6.83 -4.07 16.86
N VAL A 229 6.88 -4.17 18.19
CA VAL A 229 7.58 -3.23 19.09
C VAL A 229 8.97 -3.81 19.39
N VAL A 230 10.01 -3.08 19.00
CA VAL A 230 11.43 -3.53 19.11
C VAL A 230 12.14 -2.61 20.10
N ASP A 231 12.77 -3.13 21.14
CA ASP A 231 13.67 -2.32 22.00
C ASP A 231 15.07 -2.46 21.43
N GLU A 232 16.10 -2.16 22.22
CA GLU A 232 17.51 -2.23 21.77
C GLU A 232 17.84 -3.61 21.16
N ASN A 233 17.23 -4.68 21.62
CA ASN A 233 17.78 -6.04 21.36
C ASN A 233 16.78 -6.93 20.63
N ARG A 234 15.49 -6.86 20.98
CA ARG A 234 14.53 -7.93 20.62
C ARG A 234 13.12 -7.35 20.38
N VAL A 235 12.32 -8.14 19.68
CA VAL A 235 10.86 -7.93 19.52
C VAL A 235 10.26 -8.12 20.90
N LEU A 236 9.48 -7.16 21.39
CA LEU A 236 8.82 -7.27 22.71
C LEU A 236 7.50 -8.05 22.61
N ASN A 237 6.86 -8.09 21.43
CA ASN A 237 5.59 -8.82 21.20
C ASN A 237 5.75 -10.26 21.72
N GLU A 238 4.91 -10.65 22.67
CA GLU A 238 4.99 -11.98 23.34
C GLU A 238 5.03 -13.12 22.31
N ASP A 239 4.23 -13.03 21.23
CA ASP A 239 4.05 -14.12 20.21
C ASP A 239 5.03 -13.95 19.03
N GLY A 240 5.94 -12.98 19.07
CA GLY A 240 7.08 -12.92 18.13
C GLY A 240 6.66 -12.51 16.73
N LEU A 241 7.38 -12.96 15.71
CA LEU A 241 7.19 -12.52 14.31
C LEU A 241 6.34 -13.56 13.56
N ARG A 242 5.63 -13.12 12.53
CA ARG A 242 4.91 -14.00 11.58
C ARG A 242 5.84 -14.57 10.51
N TYR A 243 6.92 -13.85 10.20
CA TYR A 243 7.91 -14.25 9.19
C TYR A 243 9.30 -13.91 9.76
N GLU A 244 10.30 -14.72 9.43
CA GLU A 244 11.71 -14.49 9.82
C GLU A 244 12.15 -13.12 9.29
N ASP A 245 11.70 -12.79 8.08
CA ASP A 245 11.94 -11.50 7.37
C ASP A 245 10.69 -10.59 7.38
N GLU A 246 9.97 -10.52 8.49
CA GLU A 246 8.72 -9.70 8.55
C GLU A 246 9.02 -8.23 8.18
N PHE A 247 10.13 -7.66 8.66
CA PHE A 247 10.46 -6.21 8.52
C PHE A 247 10.58 -5.86 7.03
N VAL A 248 11.40 -6.59 6.26
CA VAL A 248 11.60 -6.26 4.82
C VAL A 248 10.33 -6.64 4.03
N LYS A 249 9.58 -7.66 4.46
CA LYS A 249 8.28 -7.96 3.83
C LYS A 249 7.31 -6.79 4.05
N HIS A 250 7.33 -6.15 5.21
CA HIS A 250 6.42 -5.01 5.46
C HIS A 250 6.83 -3.84 4.53
N LYS A 251 8.13 -3.61 4.40
CA LYS A 251 8.66 -2.61 3.41
C LYS A 251 8.05 -2.90 2.04
N ILE A 252 8.00 -4.15 1.61
CA ILE A 252 7.46 -4.54 0.28
C ILE A 252 5.96 -4.22 0.22
N LEU A 253 5.26 -4.53 1.30
CA LEU A 253 3.82 -4.24 1.44
C LEU A 253 3.63 -2.74 1.24
N ASP A 254 4.33 -1.89 2.00
CA ASP A 254 4.17 -0.42 1.95
C ASP A 254 4.46 0.05 0.50
N ALA A 255 5.51 -0.47 -0.17
CA ALA A 255 5.87 -0.09 -1.56
C ALA A 255 4.72 -0.42 -2.52
N ILE A 256 4.05 -1.55 -2.32
CA ILE A 256 2.94 -1.98 -3.19
C ILE A 256 1.78 -0.97 -3.01
N GLY A 257 1.47 -0.54 -1.79
CA GLY A 257 0.47 0.51 -1.54
C GLY A 257 0.81 1.81 -2.29
N ASP A 258 2.05 2.28 -2.18
CA ASP A 258 2.51 3.55 -2.79
C ASP A 258 2.47 3.44 -4.31
N LEU A 259 2.90 2.32 -4.87
CA LEU A 259 2.85 2.07 -6.34
C LEU A 259 1.42 2.21 -6.83
N TYR A 260 0.43 1.83 -6.03
CA TYR A 260 -0.98 1.85 -6.51
C TYR A 260 -1.49 3.30 -6.71
N LEU A 261 -0.79 4.31 -6.19
CA LEU A 261 -1.12 5.75 -6.44
C LEU A 261 -0.86 6.15 -7.89
N LEU A 262 -0.15 5.32 -8.67
CA LEU A 262 -0.10 5.49 -10.14
C LEU A 262 -1.52 5.43 -10.72
N GLY A 263 -2.48 4.76 -10.07
CA GLY A 263 -3.89 4.68 -10.51
C GLY A 263 -4.13 3.56 -11.52
N ASN A 264 -3.11 2.74 -11.80
CA ASN A 264 -3.18 1.59 -12.75
C ASN A 264 -2.17 0.56 -12.25
N SER A 265 -2.45 -0.72 -12.43
CA SER A 265 -1.54 -1.81 -12.02
C SER A 265 -0.30 -1.73 -12.89
N LEU A 266 0.84 -2.13 -12.33
CA LEU A 266 2.16 -1.99 -12.98
C LEU A 266 2.58 -3.31 -13.62
N ILE A 267 3.18 -3.21 -14.79
CA ILE A 267 3.99 -4.30 -15.40
C ILE A 267 5.44 -3.83 -15.40
N GLY A 268 6.16 -4.36 -14.45
CA GLY A 268 7.57 -4.01 -14.23
C GLY A 268 8.04 -4.48 -12.88
N GLU A 269 9.23 -4.04 -12.52
CA GLU A 269 9.91 -4.41 -11.28
C GLU A 269 10.18 -3.13 -10.51
N PHE A 270 9.94 -3.17 -9.20
CA PHE A 270 10.34 -2.10 -8.27
C PHE A 270 11.47 -2.64 -7.40
N ARG A 271 12.52 -1.84 -7.28
CA ARG A 271 13.66 -2.11 -6.36
C ARG A 271 13.78 -0.93 -5.39
N GLY A 272 13.70 -1.22 -4.10
CA GLY A 272 13.92 -0.25 -3.02
C GLY A 272 15.20 -0.57 -2.24
N PHE A 273 16.00 0.46 -1.97
CA PHE A 273 17.18 0.35 -1.08
C PHE A 273 17.05 1.43 -0.01
N LYS A 274 16.61 0.99 1.18
CA LYS A 274 16.29 1.82 2.37
C LYS A 274 15.27 2.89 1.99
N SER A 275 14.48 2.66 0.93
CA SER A 275 13.46 3.61 0.43
C SER A 275 12.29 3.67 1.44
N GLY A 276 11.46 4.69 1.33
CA GLY A 276 10.27 4.90 2.16
C GLY A 276 9.27 5.71 1.38
N HIS A 277 8.21 6.21 2.02
CA HIS A 277 7.10 6.85 1.27
C HIS A 277 7.61 8.10 0.53
N ALA A 278 8.50 8.91 1.10
CA ALA A 278 8.95 10.18 0.45
C ALA A 278 9.70 9.90 -0.87
N LEU A 279 10.65 8.97 -0.87
CA LEU A 279 11.37 8.61 -2.11
C LEU A 279 10.45 7.84 -3.04
N ASN A 280 9.57 6.99 -2.51
CA ASN A 280 8.63 6.22 -3.36
C ASN A 280 7.81 7.22 -4.16
N ASN A 281 7.35 8.29 -3.52
CA ASN A 281 6.53 9.31 -4.20
C ASN A 281 7.39 10.08 -5.22
N GLN A 282 8.67 10.31 -4.95
CA GLN A 282 9.59 11.00 -5.91
C GLN A 282 9.68 10.10 -7.15
N LEU A 283 9.70 8.78 -6.93
CA LEU A 283 9.83 7.82 -8.07
C LEU A 283 8.56 7.86 -8.90
N LEU A 284 7.39 7.83 -8.25
CA LEU A 284 6.11 7.85 -9.03
C LEU A 284 6.07 9.13 -9.88
N ARG A 285 6.39 10.26 -9.28
CA ARG A 285 6.31 11.58 -9.98
C ARG A 285 7.26 11.57 -11.18
N THR A 286 8.48 11.05 -10.99
CA THR A 286 9.49 11.04 -12.05
C THR A 286 9.02 10.10 -13.16
N LEU A 287 8.47 8.93 -12.84
CA LEU A 287 7.94 7.99 -13.86
C LEU A 287 6.83 8.70 -14.63
N ILE A 288 5.85 9.27 -13.93
CA ILE A 288 4.64 9.87 -14.58
C ILE A 288 5.11 10.96 -15.58
N ALA A 289 6.00 11.85 -15.14
CA ALA A 289 6.58 12.93 -15.99
C ALA A 289 7.32 12.37 -17.21
N ASP A 290 8.00 11.23 -17.11
CA ASP A 290 8.85 10.72 -18.21
C ASP A 290 8.04 9.72 -19.05
N LYS A 291 7.22 10.26 -19.96
CA LYS A 291 6.22 9.47 -20.72
C LYS A 291 6.95 8.54 -21.69
N ASP A 292 8.26 8.71 -21.92
CA ASP A 292 9.07 7.76 -22.73
C ASP A 292 9.31 6.44 -21.97
N ALA A 293 9.13 6.45 -20.66
CA ALA A 293 9.52 5.34 -19.78
C ALA A 293 8.34 4.40 -19.54
N TRP A 294 7.15 4.68 -20.09
CA TRP A 294 5.97 3.84 -19.83
C TRP A 294 4.91 4.05 -20.89
N GLU A 295 4.00 3.09 -20.97
CA GLU A 295 2.82 3.09 -21.87
C GLU A 295 1.68 2.46 -21.09
N VAL A 296 0.45 2.78 -21.48
CA VAL A 296 -0.79 2.13 -21.00
C VAL A 296 -1.05 0.98 -21.96
N VAL A 297 -1.27 -0.22 -21.43
CA VAL A 297 -1.56 -1.42 -22.26
C VAL A 297 -2.76 -2.12 -21.63
N THR A 298 -3.53 -2.78 -22.49
CA THR A 298 -4.62 -3.71 -22.13
C THR A 298 -4.27 -5.07 -22.73
N PHE A 299 -4.95 -6.12 -22.31
CA PHE A 299 -4.75 -7.51 -22.77
C PHE A 299 -6.09 -8.08 -23.19
N GLU A 300 -6.24 -8.28 -24.49
CA GLU A 300 -7.44 -8.93 -25.07
C GLU A 300 -7.41 -10.43 -24.70
N ASP A 301 -6.26 -10.97 -24.28
CA ASP A 301 -6.15 -12.41 -23.91
C ASP A 301 -5.33 -12.59 -22.64
N ALA A 302 -6.00 -12.84 -21.52
CA ALA A 302 -5.41 -13.14 -20.19
C ALA A 302 -4.38 -14.28 -20.27
N ARG A 303 -4.55 -15.22 -21.19
CA ARG A 303 -3.72 -16.47 -21.19
C ARG A 303 -2.28 -16.16 -21.60
N THR A 304 -2.06 -15.10 -22.38
CA THR A 304 -0.74 -14.66 -22.92
C THR A 304 -0.22 -13.43 -22.16
N ALA A 305 -0.98 -12.87 -21.22
CA ALA A 305 -0.59 -11.67 -20.43
C ALA A 305 0.50 -12.04 -19.43
N PRO A 306 1.43 -11.13 -19.12
CA PRO A 306 2.52 -11.44 -18.19
C PRO A 306 2.10 -11.52 -16.71
N ILE A 307 0.89 -11.09 -16.39
CA ILE A 307 0.35 -11.16 -15.01
C ILE A 307 -0.98 -11.92 -15.05
N SER A 308 -1.41 -12.49 -13.92
CA SER A 308 -2.71 -13.20 -13.76
C SER A 308 -3.34 -12.80 -12.43
N TYR A 309 -4.67 -12.88 -12.32
CA TYR A 309 -5.39 -12.61 -11.06
C TYR A 309 -6.09 -13.88 -10.59
N MET A 310 -6.36 -13.95 -9.29
CA MET A 310 -7.20 -15.02 -8.70
C MET A 310 -8.58 -14.92 -9.31
N ARG A 311 -9.32 -16.03 -9.36
CA ARG A 311 -10.78 -15.99 -9.57
C ARG A 311 -11.35 -14.90 -8.66
N PRO A 312 -12.44 -14.21 -9.09
CA PRO A 312 -13.03 -13.17 -8.26
C PRO A 312 -13.75 -13.78 -7.03
ZN ZN B . 3.57 0.16 6.73
C15 9DO C . 7.87 0.79 9.76
C13 9DO C . 9.36 1.69 8.10
C14 9DO C . 7.99 1.08 8.31
C16 9DO C . 11.00 2.58 9.73
C12 9DO C . 1.41 1.39 24.75
C10 9DO C . 7.99 3.11 10.78
C9 9DO C . 2.79 1.14 24.12
C11 9DO C . 8.76 1.82 10.45
C5 9DO C . 5.54 3.37 13.74
C1 9DO C . 3.69 2.44 17.41
C2 9DO C . 4.23 2.74 16.23
C3 9DO C . 4.55 4.05 15.89
C4 9DO C . 5.17 4.35 14.67
C8 9DO C . 4.59 1.75 15.30
C7 9DO C . 6.29 3.71 12.45
C6 9DO C . 5.23 2.06 14.09
O8 9DO C . 6.23 4.79 11.92
N9 9DO C . 7.11 2.82 11.88
N12 9DO C . 9.77 2.10 9.44
O17 9DO C . 11.84 2.58 8.86
C18 9DO C . 11.30 3.11 11.10
C19 9DO C . 12.71 2.90 11.62
C20 9DO C . 12.26 4.30 11.22
C21 9DO C . 3.39 2.20 18.55
C22 9DO C . 3.22 1.96 19.85
C23 9DO C . 3.45 0.68 20.35
C24 9DO C . 3.31 0.39 21.72
C25 9DO C . 2.94 1.40 22.65
C26 9DO C . 2.71 2.69 22.15
C27 9DO C . 2.84 2.96 20.78
N28 9DO C . 7.02 2.06 7.89
C29 9DO C . 5.73 1.79 7.81
O30 9DO C . 5.18 0.73 8.17
C31 9DO C . 4.91 2.96 7.29
N32 9DO C . 3.55 2.57 6.95
C33 9DO C . 2.69 2.66 8.16
C34 9DO C . 3.52 3.45 9.18
C35 9DO C . 4.69 3.96 8.39
F36 9DO C . 4.14 2.68 10.15
O27 9DO C . 0.30 1.28 23.85
C28 9DO C . -0.82 0.45 24.23
O40 9DO C . 3.10 -0.21 24.39
#